data_5YGE
#
_entry.id   5YGE
#
_cell.length_a   73.728
_cell.length_b   73.728
_cell.length_c   187.231
_cell.angle_alpha   90.000
_cell.angle_beta   90.000
_cell.angle_gamma   90.000
#
_symmetry.space_group_name_H-M   'P 41 21 2'
#
loop_
_entity.id
_entity.type
_entity.pdbx_description
1 polymer 'Amino-acid acetyltransferase'
2 non-polymer 'ACETYL COENZYME *A'
3 non-polymer 'GLUTAMIC ACID'
4 non-polymer 'CACODYLIC ACID'
5 water water
#
_entity_poly.entity_id   1
_entity_poly.type   'polypeptide(L)'
_entity_poly.pdbx_seq_one_letter_code
;VTERPRDCRPVVRRARTSDVPAIKQLVDTYAGKILLEKNLVTLYEAVQEFWVAEHPDLYGKVVGCGALHVLWSDLGEIRT
VAVDPAMTGHGIGHAIVDRLLQVARDLQLQRVFVLTFETEFFARHGFTEIEGTPVTAEVFDEMCRSYDIGVAEFLDLSYV
KPNILGNSRMLLVL
;
_entity_poly.pdbx_strand_id   A,B
#
loop_
_chem_comp.id
_chem_comp.type
_chem_comp.name
_chem_comp.formula
ACO non-polymer 'ACETYL COENZYME *A' 'C23 H38 N7 O17 P3 S'
CAD non-polymer 'CACODYLIC ACID' 'C2 H7 As O2'
#
# COMPACT_ATOMS: atom_id res chain seq x y z
N ARG A 6 17.47 -14.32 21.10
CA ARG A 6 16.97 -14.72 19.78
C ARG A 6 18.06 -15.27 18.86
N ASP A 7 17.83 -16.47 18.38
CA ASP A 7 18.74 -17.21 17.53
C ASP A 7 19.02 -16.48 16.19
N CYS A 8 17.96 -16.13 15.50
CA CYS A 8 18.05 -15.53 14.18
C CYS A 8 17.68 -14.06 14.28
N ARG A 9 18.60 -13.18 13.90
CA ARG A 9 18.38 -11.74 13.74
C ARG A 9 18.42 -11.39 12.24
N PRO A 10 17.40 -11.79 11.52
CA PRO A 10 17.44 -11.66 10.07
C PRO A 10 17.26 -10.26 9.58
N VAL A 11 17.83 -9.99 8.42
CA VAL A 11 17.46 -8.88 7.64
C VAL A 11 15.93 -8.91 7.36
N VAL A 12 15.28 -7.83 7.72
CA VAL A 12 13.90 -7.62 7.42
C VAL A 12 13.82 -6.39 6.53
N ARG A 13 13.40 -6.61 5.31
CA ARG A 13 13.38 -5.59 4.29
C ARG A 13 12.04 -5.46 3.56
N ARG A 14 11.86 -4.35 2.90
CA ARG A 14 10.69 -4.10 2.13
C ARG A 14 10.56 -5.16 1.01
N ALA A 15 9.37 -5.65 0.82
CA ALA A 15 9.04 -6.50 -0.29
C ALA A 15 9.24 -5.86 -1.66
N ARG A 16 9.57 -6.71 -2.58
CA ARG A 16 9.61 -6.40 -3.99
C ARG A 16 8.61 -7.29 -4.74
N THR A 17 8.21 -6.94 -5.93
CA THR A 17 7.32 -7.78 -6.69
C THR A 17 7.94 -9.16 -6.93
N SER A 18 9.25 -9.22 -7.05
CA SER A 18 9.93 -10.46 -7.16
C SER A 18 9.77 -11.41 -5.98
N ASP A 19 9.40 -10.88 -4.83
CA ASP A 19 9.16 -11.64 -3.62
C ASP A 19 7.77 -12.24 -3.54
N VAL A 20 6.85 -11.76 -4.35
CA VAL A 20 5.47 -12.13 -4.22
C VAL A 20 5.21 -13.65 -4.35
N PRO A 21 5.90 -14.28 -5.38
CA PRO A 21 5.76 -15.76 -5.39
C PRO A 21 6.16 -16.45 -4.08
N ALA A 22 7.24 -16.03 -3.43
CA ALA A 22 7.60 -16.54 -2.12
C ALA A 22 6.57 -16.26 -1.04
N ILE A 23 6.05 -15.06 -1.03
CA ILE A 23 4.98 -14.67 -0.15
C ILE A 23 3.75 -15.53 -0.35
N LYS A 24 3.34 -15.68 -1.58
CA LYS A 24 2.21 -16.53 -1.91
C LYS A 24 2.41 -17.95 -1.40
N GLN A 25 3.60 -18.51 -1.55
CA GLN A 25 3.96 -19.82 -1.04
C GLN A 25 3.81 -19.90 0.46
N LEU A 26 4.29 -18.94 1.21
CA LEU A 26 4.07 -18.90 2.63
C LEU A 26 2.58 -18.89 3.04
N VAL A 27 1.78 -18.09 2.37
CA VAL A 27 0.37 -18.02 2.67
C VAL A 27 -0.36 -19.30 2.36
N ASP A 28 -0.02 -19.92 1.25
CA ASP A 28 -0.64 -21.13 0.81
C ASP A 28 -0.25 -22.29 1.73
N THR A 29 0.90 -22.17 2.39
CA THR A 29 1.32 -23.16 3.33
C THR A 29 0.33 -23.23 4.48
N TYR A 30 -0.17 -22.11 4.90
CA TYR A 30 -1.04 -22.04 6.04
C TYR A 30 -2.50 -21.73 5.74
N ALA A 31 -2.85 -21.55 4.49
CA ALA A 31 -4.13 -21.00 4.15
C ALA A 31 -5.23 -21.95 4.45
N GLY A 32 -6.41 -21.42 4.67
CA GLY A 32 -7.54 -22.21 5.04
C GLY A 32 -7.97 -21.84 6.43
N LYS A 33 -7.69 -22.72 7.37
CA LYS A 33 -8.07 -22.51 8.73
C LYS A 33 -7.20 -21.57 9.50
N ILE A 34 -5.95 -21.45 9.11
CA ILE A 34 -4.99 -20.64 9.83
C ILE A 34 -4.88 -19.25 9.29
N LEU A 35 -4.75 -19.15 7.98
CA LEU A 35 -4.61 -17.87 7.33
C LEU A 35 -5.63 -17.68 6.26
N LEU A 36 -6.04 -16.44 6.10
CA LEU A 36 -6.85 -16.01 5.00
C LEU A 36 -6.07 -16.16 3.68
N GLU A 37 -6.69 -16.79 2.71
CA GLU A 37 -6.08 -17.02 1.43
C GLU A 37 -5.90 -15.71 0.66
N LYS A 38 -5.00 -15.70 -0.31
CA LYS A 38 -4.68 -14.51 -1.07
C LYS A 38 -4.21 -14.85 -2.46
N ASN A 39 -4.86 -14.33 -3.47
CA ASN A 39 -4.37 -14.50 -4.80
C ASN A 39 -3.26 -13.52 -5.18
N LEU A 40 -2.64 -13.78 -6.30
CA LEU A 40 -1.49 -13.05 -6.73
C LEU A 40 -1.78 -11.54 -6.91
N VAL A 41 -2.88 -11.22 -7.56
CA VAL A 41 -3.25 -9.85 -7.77
C VAL A 41 -3.39 -9.04 -6.48
N THR A 42 -4.01 -9.61 -5.48
CA THR A 42 -4.12 -8.99 -4.20
C THR A 42 -2.76 -8.68 -3.63
N LEU A 43 -1.89 -9.65 -3.69
CA LEU A 43 -0.56 -9.56 -3.17
C LEU A 43 0.25 -8.46 -3.91
N TYR A 44 0.22 -8.46 -5.22
CA TYR A 44 0.93 -7.49 -6.01
C TYR A 44 0.48 -6.07 -5.62
N GLU A 45 -0.81 -5.84 -5.57
CA GLU A 45 -1.35 -4.56 -5.22
C GLU A 45 -0.89 -4.12 -3.82
N ALA A 46 -0.81 -5.06 -2.89
CA ALA A 46 -0.46 -4.80 -1.52
C ALA A 46 1.02 -4.86 -1.22
N VAL A 47 1.84 -5.01 -2.25
CA VAL A 47 3.25 -5.29 -2.09
C VAL A 47 3.97 -4.25 -1.20
N GLN A 48 3.59 -3.03 -1.34
CA GLN A 48 4.19 -1.97 -0.60
C GLN A 48 3.86 -1.98 0.90
N GLU A 49 2.94 -2.79 1.34
CA GLU A 49 2.64 -3.01 2.74
C GLU A 49 3.48 -4.12 3.40
N PHE A 50 4.12 -4.92 2.56
CA PHE A 50 4.80 -6.13 2.94
C PHE A 50 6.27 -5.97 3.27
N TRP A 51 6.70 -6.68 4.29
CA TRP A 51 8.08 -6.83 4.64
C TRP A 51 8.46 -8.33 4.59
N VAL A 52 9.69 -8.61 4.23
CA VAL A 52 10.22 -9.96 4.18
C VAL A 52 11.52 -10.18 4.95
N ALA A 53 11.60 -11.32 5.58
CA ALA A 53 12.78 -11.81 6.29
C ALA A 53 13.68 -12.68 5.40
N GLU A 54 14.93 -12.30 5.33
CA GLU A 54 15.99 -13.01 4.60
C GLU A 54 16.75 -14.06 5.44
N HIS A 55 16.94 -15.24 4.91
CA HIS A 55 17.87 -16.20 5.49
C HIS A 55 19.28 -15.67 5.46
N PRO A 56 19.90 -15.66 6.74
CA PRO A 56 21.23 -15.06 6.75
C PRO A 56 22.32 -15.78 5.94
N ASP A 57 22.19 -17.07 5.72
CA ASP A 57 23.20 -17.86 5.05
C ASP A 57 22.81 -18.39 3.69
N LEU A 58 21.52 -18.57 3.46
CA LEU A 58 21.05 -19.21 2.26
C LEU A 58 20.74 -18.26 1.09
N TYR A 59 21.73 -17.50 0.72
CA TYR A 59 21.65 -16.55 -0.36
C TYR A 59 20.50 -15.51 -0.17
N GLY A 60 20.19 -15.20 1.08
CA GLY A 60 19.16 -14.24 1.40
C GLY A 60 17.73 -14.65 1.08
N LYS A 61 17.53 -15.94 0.91
CA LYS A 61 16.25 -16.53 0.61
C LYS A 61 15.12 -16.03 1.54
N VAL A 62 13.98 -15.71 0.99
CA VAL A 62 12.86 -15.26 1.79
C VAL A 62 12.32 -16.41 2.65
N VAL A 63 12.33 -16.25 3.95
CA VAL A 63 11.83 -17.26 4.83
C VAL A 63 10.72 -16.80 5.77
N GLY A 64 10.29 -15.57 5.57
CA GLY A 64 9.17 -15.05 6.29
C GLY A 64 8.63 -13.76 5.73
N CYS A 65 7.42 -13.45 6.11
CA CYS A 65 6.76 -12.27 5.65
C CYS A 65 5.75 -11.71 6.64
N GLY A 66 5.43 -10.44 6.46
CA GLY A 66 4.37 -9.82 7.18
C GLY A 66 3.97 -8.50 6.59
N ALA A 67 2.77 -8.06 6.88
CA ALA A 67 2.26 -6.80 6.41
C ALA A 67 1.51 -5.95 7.46
N LEU A 68 1.49 -4.66 7.21
CA LEU A 68 0.72 -3.74 7.94
C LEU A 68 -0.19 -2.91 6.99
N HIS A 69 -1.43 -2.86 7.36
CA HIS A 69 -2.43 -2.19 6.61
C HIS A 69 -3.02 -1.06 7.42
N VAL A 70 -3.07 0.12 6.83
CA VAL A 70 -3.57 1.31 7.53
C VAL A 70 -5.06 1.41 7.23
N LEU A 71 -5.86 1.50 8.27
CA LEU A 71 -7.30 1.68 8.14
C LEU A 71 -7.75 3.12 8.24
N TRP A 72 -7.18 3.89 9.14
CA TRP A 72 -7.54 5.28 9.37
C TRP A 72 -6.31 6.00 9.95
N SER A 73 -6.39 7.28 10.24
CA SER A 73 -5.24 8.04 10.71
C SER A 73 -4.50 7.47 11.92
N ASP A 74 -5.23 6.84 12.81
CA ASP A 74 -4.75 6.37 14.08
C ASP A 74 -4.70 4.85 14.23
N LEU A 75 -5.18 4.15 13.23
CA LEU A 75 -5.34 2.73 13.27
C LEU A 75 -4.79 1.91 12.09
N GLY A 76 -4.14 0.81 12.44
CA GLY A 76 -3.59 -0.15 11.54
C GLY A 76 -3.87 -1.57 11.99
N GLU A 77 -3.71 -2.49 11.07
CA GLU A 77 -3.89 -3.92 11.28
C GLU A 77 -2.70 -4.73 10.75
N ILE A 78 -2.27 -5.67 11.54
CA ILE A 78 -1.24 -6.60 11.16
C ILE A 78 -1.85 -7.77 10.46
N ARG A 79 -1.30 -8.07 9.30
CA ARG A 79 -1.77 -9.13 8.46
C ARG A 79 -0.69 -10.03 7.89
N THR A 80 -1.10 -11.24 7.54
CA THR A 80 -0.34 -12.17 6.74
C THR A 80 1.12 -12.31 7.20
N VAL A 81 1.28 -12.50 8.49
CA VAL A 81 2.56 -12.80 9.09
C VAL A 81 2.75 -14.32 9.02
N ALA A 82 3.78 -14.77 8.34
CA ALA A 82 4.05 -16.18 8.16
C ALA A 82 5.52 -16.48 8.00
N VAL A 83 5.92 -17.61 8.53
CA VAL A 83 7.28 -18.07 8.53
C VAL A 83 7.36 -19.47 7.97
N ASP A 84 8.39 -19.71 7.22
CA ASP A 84 8.67 -21.02 6.76
C ASP A 84 8.62 -22.02 7.91
N PRO A 85 7.75 -23.10 7.67
CA PRO A 85 7.61 -24.04 8.78
C PRO A 85 8.91 -24.64 9.30
N ALA A 86 9.84 -24.91 8.41
CA ALA A 86 11.15 -25.39 8.76
C ALA A 86 12.03 -24.38 9.47
N MET A 87 11.62 -23.14 9.57
CA MET A 87 12.44 -22.12 10.17
C MET A 87 11.87 -21.49 11.43
N THR A 88 10.77 -22.03 11.91
CA THR A 88 10.10 -21.47 13.07
C THR A 88 10.81 -21.78 14.39
N GLY A 89 10.48 -21.02 15.41
CA GLY A 89 11.09 -21.16 16.70
C GLY A 89 12.45 -20.54 16.85
N HIS A 90 12.85 -19.70 15.91
CA HIS A 90 14.15 -19.07 15.93
C HIS A 90 14.20 -17.59 15.95
N GLY A 91 13.06 -16.97 16.16
CA GLY A 91 12.98 -15.53 16.20
C GLY A 91 12.59 -14.75 14.93
N ILE A 92 12.37 -15.43 13.83
CA ILE A 92 11.98 -14.75 12.62
C ILE A 92 10.64 -14.02 12.76
N GLY A 93 9.62 -14.70 13.22
CA GLY A 93 8.34 -14.17 13.53
C GLY A 93 8.42 -12.86 14.26
N HIS A 94 9.12 -12.87 15.38
CA HIS A 94 9.28 -11.70 16.20
C HIS A 94 10.02 -10.56 15.56
N ALA A 95 10.99 -10.87 14.75
CA ALA A 95 11.72 -9.89 14.00
C ALA A 95 10.80 -9.13 13.02
N ILE A 96 9.96 -9.87 12.34
CA ILE A 96 8.98 -9.35 11.43
C ILE A 96 8.04 -8.40 12.16
N VAL A 97 7.39 -8.89 13.20
CA VAL A 97 6.48 -8.09 13.97
C VAL A 97 7.15 -6.84 14.56
N ASP A 98 8.38 -6.96 15.02
CA ASP A 98 9.14 -5.83 15.53
C ASP A 98 9.20 -4.71 14.49
N ARG A 99 9.53 -5.08 13.27
CA ARG A 99 9.55 -4.17 12.16
C ARG A 99 8.21 -3.51 11.86
N LEU A 100 7.16 -4.31 11.71
CA LEU A 100 5.82 -3.79 11.44
C LEU A 100 5.40 -2.75 12.47
N LEU A 101 5.70 -3.04 13.73
CA LEU A 101 5.36 -2.17 14.81
C LEU A 101 6.13 -0.88 14.75
N GLN A 102 7.39 -0.97 14.41
CA GLN A 102 8.16 0.22 14.18
C GLN A 102 7.61 1.05 12.99
N VAL A 103 7.15 0.37 11.96
CA VAL A 103 6.57 1.04 10.82
C VAL A 103 5.33 1.80 11.29
N ALA A 104 4.54 1.17 12.13
CA ALA A 104 3.33 1.75 12.66
C ALA A 104 3.57 3.05 13.38
N ARG A 105 4.57 3.02 14.24
CA ARG A 105 5.03 4.19 14.95
C ARG A 105 5.53 5.28 14.00
N ASP A 106 6.38 4.89 13.05
CA ASP A 106 6.87 5.79 12.03
C ASP A 106 5.70 6.49 11.29
N LEU A 107 4.69 5.75 10.94
CA LEU A 107 3.51 6.22 10.25
C LEU A 107 2.57 7.14 11.04
N GLN A 108 2.83 7.24 12.34
CA GLN A 108 2.00 8.00 13.27
C GLN A 108 0.69 7.32 13.62
N LEU A 109 0.64 6.02 13.52
CA LEU A 109 -0.46 5.25 14.05
C LEU A 109 -0.47 5.25 15.59
N GLN A 110 -1.62 5.13 16.20
CA GLN A 110 -1.73 5.11 17.64
C GLN A 110 -2.04 3.72 18.13
N ARG A 111 -2.74 2.96 17.33
CA ARG A 111 -3.11 1.64 17.70
C ARG A 111 -3.02 0.69 16.55
N VAL A 112 -2.78 -0.56 16.90
CA VAL A 112 -2.74 -1.65 15.97
C VAL A 112 -3.53 -2.81 16.50
N PHE A 113 -4.29 -3.45 15.64
CA PHE A 113 -4.94 -4.68 15.96
C PHE A 113 -4.55 -5.84 15.09
N VAL A 114 -5.00 -6.99 15.48
CA VAL A 114 -4.74 -8.22 14.82
C VAL A 114 -5.79 -9.27 15.15
N LEU A 115 -6.09 -10.13 14.21
CA LEU A 115 -6.88 -11.27 14.38
C LEU A 115 -6.00 -12.50 14.19
N THR A 116 -5.87 -13.28 15.24
CA THR A 116 -4.93 -14.37 15.32
C THR A 116 -5.30 -15.53 16.26
N PHE A 117 -4.78 -16.70 15.94
CA PHE A 117 -4.76 -17.83 16.83
C PHE A 117 -3.50 -17.82 17.71
N GLU A 118 -2.46 -17.13 17.26
CA GLU A 118 -1.21 -17.02 18.01
C GLU A 118 -1.20 -15.96 19.08
N THR A 119 -2.04 -16.13 20.07
CA THR A 119 -2.18 -15.16 21.12
C THR A 119 -0.98 -14.92 21.99
N GLU A 120 -0.27 -15.97 22.34
CA GLU A 120 0.91 -15.82 23.17
C GLU A 120 2.00 -15.09 22.41
N PHE A 121 2.18 -15.45 21.16
CA PHE A 121 3.12 -14.74 20.30
C PHE A 121 2.93 -13.24 20.29
N PHE A 122 1.73 -12.79 19.94
CA PHE A 122 1.43 -11.38 19.96
C PHE A 122 1.46 -10.73 21.33
N ALA A 123 1.10 -11.46 22.37
CA ALA A 123 1.18 -10.93 23.73
C ALA A 123 2.59 -10.52 24.11
N ARG A 124 3.57 -11.23 23.59
CA ARG A 124 4.95 -10.84 23.75
C ARG A 124 5.22 -9.42 23.30
N HIS A 125 4.44 -8.91 22.38
CA HIS A 125 4.64 -7.57 21.89
C HIS A 125 3.70 -6.54 22.53
N GLY A 126 2.95 -6.96 23.52
CA GLY A 126 2.07 -6.07 24.27
C GLY A 126 0.60 -6.11 23.91
N PHE A 127 0.25 -6.94 22.97
CA PHE A 127 -1.11 -7.08 22.55
C PHE A 127 -1.98 -7.73 23.63
N THR A 128 -3.15 -7.17 23.83
CA THR A 128 -4.12 -7.80 24.72
C THR A 128 -5.39 -8.12 24.00
N GLU A 129 -6.02 -9.20 24.39
CA GLU A 129 -7.25 -9.60 23.77
C GLU A 129 -8.34 -8.56 24.06
N ILE A 130 -9.26 -8.43 23.14
CA ILE A 130 -10.36 -7.52 23.27
C ILE A 130 -11.60 -8.20 22.79
N GLU A 131 -12.69 -7.79 23.40
CA GLU A 131 -14.01 -8.26 23.12
C GLU A 131 -14.46 -7.60 21.88
N GLY A 132 -14.48 -8.30 20.77
CA GLY A 132 -14.91 -7.73 19.52
C GLY A 132 -16.40 -7.67 19.46
N THR A 133 -16.91 -6.84 18.59
CA THR A 133 -18.30 -6.89 18.22
C THR A 133 -18.41 -6.99 16.73
N PRO A 134 -17.99 -8.21 16.20
CA PRO A 134 -17.93 -8.23 14.74
C PRO A 134 -19.23 -8.06 14.00
N VAL A 135 -19.17 -7.47 12.83
CA VAL A 135 -20.29 -7.40 11.91
C VAL A 135 -20.02 -8.29 10.71
N THR A 136 -21.02 -8.49 9.89
CA THR A 136 -20.90 -9.25 8.68
C THR A 136 -20.07 -8.50 7.67
N ALA A 137 -19.52 -9.21 6.71
CA ALA A 137 -18.78 -8.58 5.66
C ALA A 137 -19.58 -7.53 4.93
N GLU A 138 -20.83 -7.82 4.61
CA GLU A 138 -21.74 -6.87 3.99
C GLU A 138 -21.86 -5.55 4.80
N VAL A 139 -22.07 -5.65 6.09
CA VAL A 139 -22.13 -4.50 6.94
C VAL A 139 -20.82 -3.75 7.06
N PHE A 140 -19.73 -4.47 7.22
CA PHE A 140 -18.43 -3.85 7.23
C PHE A 140 -18.20 -3.02 5.97
N ASP A 141 -18.73 -3.45 4.84
CA ASP A 141 -18.50 -2.74 3.60
C ASP A 141 -19.32 -1.45 3.53
N GLU A 142 -20.50 -1.47 4.10
CA GLU A 142 -21.32 -0.29 4.25
C GLU A 142 -20.65 0.73 5.14
N MET A 143 -20.05 0.25 6.21
CA MET A 143 -19.29 1.03 7.14
C MET A 143 -18.11 1.71 6.49
N CYS A 144 -17.37 0.91 5.72
CA CYS A 144 -16.19 1.46 5.03
C CYS A 144 -16.64 2.49 3.99
N ARG A 145 -17.73 2.24 3.31
CA ARG A 145 -18.23 3.19 2.34
C ARG A 145 -18.71 4.49 2.93
N SER A 146 -19.03 4.51 4.21
CA SER A 146 -19.49 5.69 4.87
C SER A 146 -18.41 6.39 5.64
N TYR A 147 -17.30 5.70 5.83
CA TYR A 147 -16.29 6.13 6.75
C TYR A 147 -15.74 7.48 6.40
N ASP A 148 -15.70 8.34 7.38
CA ASP A 148 -15.18 9.68 7.29
C ASP A 148 -14.99 10.21 8.68
N ILE A 149 -14.57 11.45 8.80
CA ILE A 149 -14.25 12.01 10.11
C ILE A 149 -15.41 11.87 11.09
N GLY A 150 -16.60 12.10 10.61
CA GLY A 150 -17.77 12.08 11.44
C GLY A 150 -18.03 10.73 12.00
N VAL A 151 -18.08 9.72 11.16
CA VAL A 151 -18.27 8.37 11.56
C VAL A 151 -17.16 7.84 12.48
N ALA A 152 -15.94 8.25 12.22
CA ALA A 152 -14.76 7.76 12.95
C ALA A 152 -14.81 8.22 14.38
N GLU A 153 -15.53 9.30 14.59
CA GLU A 153 -15.81 9.76 15.92
C GLU A 153 -16.51 8.75 16.80
N PHE A 154 -17.35 7.93 16.21
CA PHE A 154 -18.10 7.00 16.98
C PHE A 154 -17.93 5.53 16.62
N LEU A 155 -17.20 5.24 15.57
CA LEU A 155 -17.05 3.90 15.12
C LEU A 155 -15.61 3.49 15.00
N ASP A 156 -15.21 2.57 15.84
CA ASP A 156 -13.87 2.04 15.92
C ASP A 156 -13.81 0.73 15.11
N LEU A 157 -13.21 0.82 13.96
CA LEU A 157 -13.14 -0.30 13.06
C LEU A 157 -12.47 -1.57 13.62
N SER A 158 -11.59 -1.44 14.60
CA SER A 158 -10.95 -2.59 15.19
C SER A 158 -11.92 -3.52 15.95
N TYR A 159 -12.97 -2.97 16.51
CA TYR A 159 -14.00 -3.74 17.16
C TYR A 159 -14.94 -4.44 16.25
N VAL A 160 -15.13 -3.90 15.06
CA VAL A 160 -16.14 -4.41 14.16
C VAL A 160 -15.66 -5.21 12.96
N LYS A 161 -14.38 -5.10 12.61
CA LYS A 161 -13.86 -5.90 11.53
C LYS A 161 -14.26 -7.38 11.68
N PRO A 162 -14.85 -7.91 10.53
CA PRO A 162 -15.27 -9.31 10.67
C PRO A 162 -14.17 -10.33 11.02
N ASN A 163 -14.55 -11.27 11.87
CA ASN A 163 -13.73 -12.39 12.29
C ASN A 163 -14.09 -13.59 11.47
N ILE A 164 -13.42 -13.76 10.36
CA ILE A 164 -13.72 -14.82 9.43
C ILE A 164 -13.37 -16.19 9.96
N LEU A 165 -12.28 -16.29 10.68
CA LEU A 165 -11.73 -17.58 11.01
C LEU A 165 -12.02 -18.05 12.41
N GLY A 166 -12.67 -17.21 13.19
CA GLY A 166 -13.00 -17.54 14.54
C GLY A 166 -11.82 -17.52 15.47
N ASN A 167 -10.89 -16.63 15.23
CA ASN A 167 -9.72 -16.51 16.07
C ASN A 167 -9.88 -15.42 17.09
N SER A 168 -8.81 -15.05 17.71
CA SER A 168 -8.81 -14.05 18.71
C SER A 168 -8.45 -12.65 18.21
N ARG A 169 -9.05 -11.65 18.81
CA ARG A 169 -8.91 -10.28 18.45
C ARG A 169 -8.09 -9.59 19.49
N MET A 170 -7.06 -8.91 19.07
CA MET A 170 -6.11 -8.35 19.95
C MET A 170 -5.72 -6.97 19.54
N LEU A 171 -5.38 -6.16 20.51
CA LEU A 171 -5.10 -4.78 20.35
C LEU A 171 -3.82 -4.33 21.02
N LEU A 172 -3.15 -3.41 20.39
CA LEU A 172 -2.00 -2.80 20.94
C LEU A 172 -1.99 -1.29 20.83
N VAL A 173 -1.86 -0.63 21.94
CA VAL A 173 -1.66 0.79 21.96
C VAL A 173 -0.18 1.16 21.87
N LEU A 174 0.17 1.95 20.88
CA LEU A 174 1.56 2.20 20.61
C LEU A 174 2.23 3.10 21.65
N CYS B 8 16.40 24.97 -5.36
CA CYS B 8 15.32 24.27 -4.65
C CYS B 8 15.61 22.78 -4.58
N ARG B 9 15.71 22.29 -3.36
CA ARG B 9 16.03 20.93 -3.16
C ARG B 9 14.99 20.33 -2.24
N PRO B 10 13.81 20.01 -2.77
CA PRO B 10 12.85 19.44 -1.81
C PRO B 10 13.24 18.11 -1.35
N VAL B 11 12.80 17.95 -0.20
CA VAL B 11 13.00 16.66 0.39
C VAL B 11 11.79 15.87 -0.03
N VAL B 12 12.01 14.72 -0.61
CA VAL B 12 10.92 13.83 -0.90
C VAL B 12 11.04 12.62 0.03
N ARG B 13 10.03 12.31 0.79
CA ARG B 13 10.04 11.21 1.75
C ARG B 13 8.70 10.50 1.73
N ARG B 14 8.64 9.32 2.29
CA ARG B 14 7.42 8.60 2.46
C ARG B 14 6.45 9.33 3.36
N ALA B 15 5.20 9.33 2.98
CA ALA B 15 4.10 9.87 3.75
C ALA B 15 3.82 9.19 5.09
N ARG B 16 3.39 9.97 6.04
CA ARG B 16 2.82 9.47 7.29
C ARG B 16 1.34 9.78 7.30
N THR B 17 0.59 9.16 8.19
CA THR B 17 -0.82 9.43 8.32
C THR B 17 -1.05 10.91 8.61
N SER B 18 -0.11 11.55 9.27
CA SER B 18 -0.20 12.94 9.59
C SER B 18 -0.12 13.89 8.40
N ASP B 19 0.36 13.42 7.26
CA ASP B 19 0.40 14.16 6.03
C ASP B 19 -0.89 14.07 5.17
N VAL B 20 -1.74 13.12 5.50
CA VAL B 20 -2.93 12.88 4.73
C VAL B 20 -3.80 14.14 4.54
N PRO B 21 -4.02 14.88 5.71
CA PRO B 21 -4.70 16.16 5.50
C PRO B 21 -4.07 17.12 4.45
N ALA B 22 -2.76 17.26 4.43
CA ALA B 22 -2.13 18.11 3.45
C ALA B 22 -2.28 17.56 2.04
N ILE B 23 -2.16 16.24 1.91
CA ILE B 23 -2.40 15.54 0.67
C ILE B 23 -3.81 15.81 0.12
N LYS B 24 -4.79 15.58 0.94
CA LYS B 24 -6.16 15.86 0.64
C LYS B 24 -6.38 17.31 0.13
N GLN B 25 -5.77 18.24 0.81
CA GLN B 25 -5.81 19.62 0.44
C GLN B 25 -5.23 19.85 -0.93
N LEU B 26 -4.12 19.21 -1.22
CA LEU B 26 -3.54 19.26 -2.53
C LEU B 26 -4.49 18.71 -3.58
N VAL B 27 -5.00 17.51 -3.38
CA VAL B 27 -5.94 16.91 -4.27
C VAL B 27 -7.14 17.82 -4.50
N ASP B 28 -7.72 18.29 -3.42
CA ASP B 28 -8.88 19.17 -3.47
C ASP B 28 -8.63 20.44 -4.28
N THR B 29 -7.38 20.89 -4.31
CA THR B 29 -7.05 22.05 -5.10
C THR B 29 -7.31 21.83 -6.56
N TYR B 30 -7.01 20.66 -7.04
CA TYR B 30 -7.09 20.39 -8.44
C TYR B 30 -8.21 19.43 -8.83
N ALA B 31 -9.01 19.05 -7.87
CA ALA B 31 -9.99 18.01 -8.07
C ALA B 31 -11.17 18.49 -8.87
N GLY B 32 -11.64 17.61 -9.70
CA GLY B 32 -12.61 17.98 -10.68
C GLY B 32 -12.20 17.41 -12.00
N LYS B 33 -12.00 18.27 -12.96
CA LYS B 33 -11.65 17.81 -14.28
C LYS B 33 -10.18 17.60 -14.49
N ILE B 34 -9.35 18.01 -13.55
CA ILE B 34 -7.90 17.77 -13.62
C ILE B 34 -7.40 16.55 -12.89
N LEU B 35 -7.79 16.37 -11.64
CA LEU B 35 -7.47 15.20 -10.86
C LEU B 35 -8.73 14.57 -10.35
N LEU B 36 -8.63 13.27 -10.19
CA LEU B 36 -9.69 12.51 -9.61
C LEU B 36 -9.77 12.80 -8.12
N GLU B 37 -10.98 13.05 -7.67
CA GLU B 37 -11.29 13.22 -6.27
C GLU B 37 -10.81 12.02 -5.40
N LYS B 38 -10.40 12.33 -4.17
CA LYS B 38 -10.08 11.32 -3.18
C LYS B 38 -10.61 11.66 -1.79
N ASN B 39 -11.35 10.77 -1.16
CA ASN B 39 -11.71 10.97 0.22
C ASN B 39 -10.67 10.49 1.22
N LEU B 40 -10.85 10.88 2.45
CA LEU B 40 -9.89 10.60 3.48
C LEU B 40 -9.61 9.14 3.68
N VAL B 41 -10.61 8.31 3.69
CA VAL B 41 -10.40 6.90 3.96
C VAL B 41 -9.56 6.26 2.86
N THR B 42 -9.84 6.61 1.64
CA THR B 42 -9.09 6.21 0.51
C THR B 42 -7.61 6.60 0.63
N LEU B 43 -7.32 7.82 1.02
CA LEU B 43 -5.97 8.25 1.23
C LEU B 43 -5.22 7.51 2.37
N TYR B 44 -5.85 7.38 3.52
CA TYR B 44 -5.29 6.67 4.65
C TYR B 44 -4.86 5.25 4.24
N GLU B 45 -5.76 4.52 3.62
CA GLU B 45 -5.49 3.18 3.15
C GLU B 45 -4.34 3.08 2.15
N ALA B 46 -4.15 4.11 1.38
CA ALA B 46 -3.14 4.19 0.36
C ALA B 46 -1.84 4.87 0.81
N VAL B 47 -1.77 5.26 2.07
CA VAL B 47 -0.72 6.07 2.57
C VAL B 47 0.69 5.55 2.24
N GLN B 48 0.84 4.25 2.27
CA GLN B 48 2.09 3.56 2.00
C GLN B 48 2.54 3.57 0.52
N GLU B 49 1.68 4.06 -0.34
CA GLU B 49 1.95 4.30 -1.73
C GLU B 49 2.47 5.72 -2.01
N PHE B 50 2.23 6.60 -1.05
CA PHE B 50 2.45 8.02 -1.12
C PHE B 50 3.79 8.53 -0.60
N TRP B 51 4.32 9.47 -1.35
CA TRP B 51 5.46 10.22 -1.03
C TRP B 51 5.06 11.71 -1.05
N VAL B 52 5.70 12.47 -0.20
CA VAL B 52 5.52 13.91 -0.08
C VAL B 52 6.80 14.72 -0.26
N ALA B 53 6.65 15.91 -0.80
CA ALA B 53 7.74 16.86 -0.85
C ALA B 53 7.66 17.93 0.20
N GLU B 54 8.80 18.18 0.83
CA GLU B 54 8.96 19.12 1.91
C GLU B 54 9.66 20.40 1.47
N HIS B 55 9.29 21.53 2.04
CA HIS B 55 9.97 22.78 1.84
C HIS B 55 11.06 22.94 2.95
N PRO B 56 12.37 22.72 2.50
CA PRO B 56 13.39 22.70 3.56
C PRO B 56 13.51 23.98 4.42
N ASP B 57 13.45 25.14 3.77
CA ASP B 57 13.49 26.42 4.46
C ASP B 57 12.28 26.67 5.35
N LEU B 58 11.18 26.03 5.02
CA LEU B 58 10.03 26.11 5.84
C LEU B 58 9.78 24.90 6.72
N TYR B 59 10.82 24.42 7.36
CA TYR B 59 10.76 23.46 8.43
C TYR B 59 10.14 22.10 7.99
N GLY B 60 10.33 21.78 6.73
CA GLY B 60 9.83 20.57 6.17
C GLY B 60 8.36 20.55 5.84
N LYS B 61 7.72 21.69 5.77
CA LYS B 61 6.31 21.78 5.41
C LYS B 61 5.98 21.04 4.10
N VAL B 62 4.91 20.29 4.07
CA VAL B 62 4.54 19.52 2.89
C VAL B 62 3.99 20.41 1.79
N VAL B 63 4.64 20.45 0.66
CA VAL B 63 4.20 21.24 -0.46
C VAL B 63 3.88 20.51 -1.77
N GLY B 64 3.88 19.19 -1.69
CA GLY B 64 3.60 18.35 -2.82
C GLY B 64 3.50 16.88 -2.48
N CYS B 65 2.88 16.11 -3.37
CA CYS B 65 2.66 14.71 -3.16
C CYS B 65 2.59 13.92 -4.45
N GLY B 66 2.72 12.63 -4.34
CA GLY B 66 2.60 11.72 -5.44
C GLY B 66 2.56 10.28 -4.95
N ALA B 67 2.02 9.40 -5.77
CA ALA B 67 1.84 8.02 -5.42
C ALA B 67 2.21 7.08 -6.57
N LEU B 68 2.72 5.93 -6.21
CA LEU B 68 2.91 4.83 -7.09
C LEU B 68 2.06 3.62 -6.66
N HIS B 69 1.25 3.16 -7.58
CA HIS B 69 0.39 2.04 -7.35
C HIS B 69 0.76 0.82 -8.19
N VAL B 70 0.98 -0.31 -7.55
CA VAL B 70 1.32 -1.56 -8.17
C VAL B 70 0.09 -2.34 -8.68
N LEU B 71 0.10 -2.68 -9.95
CA LEU B 71 -0.98 -3.39 -10.54
C LEU B 71 -0.72 -4.91 -10.70
N TRP B 72 0.49 -5.22 -11.09
CA TRP B 72 0.94 -6.56 -11.34
C TRP B 72 2.45 -6.59 -11.13
N SER B 73 3.02 -7.77 -11.22
CA SER B 73 4.43 -7.95 -10.98
C SER B 73 5.29 -7.01 -11.80
N ASP B 74 4.86 -6.64 -12.99
CA ASP B 74 5.67 -5.89 -13.89
C ASP B 74 5.21 -4.45 -14.18
N LEU B 75 4.09 -4.05 -13.62
CA LEU B 75 3.44 -2.82 -13.99
C LEU B 75 2.95 -2.00 -12.83
N GLY B 76 3.29 -0.72 -12.90
CA GLY B 76 2.85 0.28 -11.97
C GLY B 76 2.16 1.45 -12.65
N GLU B 77 1.47 2.24 -11.87
CA GLU B 77 0.85 3.47 -12.28
C GLU B 77 1.18 4.60 -11.33
N ILE B 78 1.53 5.73 -11.88
CA ILE B 78 1.73 6.93 -11.09
C ILE B 78 0.41 7.66 -10.95
N ARG B 79 0.09 8.07 -9.75
CA ARG B 79 -1.14 8.73 -9.44
C ARG B 79 -1.02 9.92 -8.50
N THR B 80 -2.00 10.78 -8.57
CA THR B 80 -2.15 11.86 -7.61
C THR B 80 -0.86 12.66 -7.35
N VAL B 81 -0.19 13.06 -8.42
CA VAL B 81 0.94 13.95 -8.29
C VAL B 81 0.41 15.37 -8.29
N ALA B 82 0.66 16.12 -7.24
CA ALA B 82 0.20 17.50 -7.13
C ALA B 82 1.12 18.34 -6.29
N VAL B 83 1.33 19.55 -6.77
CA VAL B 83 2.17 20.54 -6.15
C VAL B 83 1.38 21.81 -5.77
N ASP B 84 1.66 22.35 -4.61
CA ASP B 84 1.08 23.57 -4.17
C ASP B 84 1.24 24.64 -5.28
N PRO B 85 0.03 25.22 -5.63
CA PRO B 85 0.11 26.15 -6.75
C PRO B 85 1.06 27.30 -6.52
N ALA B 86 1.32 27.70 -5.31
CA ALA B 86 2.29 28.73 -5.05
C ALA B 86 3.72 28.28 -5.15
N MET B 87 3.96 26.98 -5.28
CA MET B 87 5.30 26.43 -5.32
C MET B 87 5.67 25.75 -6.62
N THR B 88 4.81 25.83 -7.60
CA THR B 88 5.10 25.27 -8.90
C THR B 88 6.29 25.92 -9.59
N GLY B 89 6.94 25.15 -10.44
CA GLY B 89 7.95 25.69 -11.31
C GLY B 89 9.35 25.73 -10.79
N HIS B 90 9.54 25.10 -9.67
CA HIS B 90 10.79 25.05 -8.98
C HIS B 90 11.36 23.66 -8.95
N GLY B 91 10.76 22.72 -9.65
CA GLY B 91 11.27 21.39 -9.71
C GLY B 91 10.72 20.40 -8.72
N ILE B 92 9.76 20.81 -7.93
CA ILE B 92 9.17 19.94 -6.95
C ILE B 92 8.48 18.74 -7.59
N GLY B 93 7.65 19.03 -8.58
CA GLY B 93 7.01 18.06 -9.41
C GLY B 93 7.90 16.99 -9.95
N HIS B 94 8.95 17.42 -10.65
CA HIS B 94 9.92 16.52 -11.19
C HIS B 94 10.65 15.71 -10.13
N ALA B 95 10.95 16.32 -9.00
CA ALA B 95 11.53 15.60 -7.88
C ALA B 95 10.67 14.42 -7.38
N ILE B 96 9.39 14.68 -7.22
CA ILE B 96 8.44 13.70 -6.85
C ILE B 96 8.44 12.54 -7.87
N VAL B 97 8.30 12.85 -9.14
CA VAL B 97 8.26 11.83 -10.15
C VAL B 97 9.56 11.02 -10.20
N ASP B 98 10.69 11.70 -10.07
CA ASP B 98 11.99 11.06 -9.99
C ASP B 98 11.98 9.97 -8.88
N ARG B 99 11.53 10.32 -7.69
CA ARG B 99 11.40 9.42 -6.57
C ARG B 99 10.53 8.19 -6.85
N LEU B 100 9.37 8.45 -7.42
CA LEU B 100 8.41 7.41 -7.72
C LEU B 100 8.99 6.40 -8.67
N LEU B 101 9.71 6.88 -9.65
CA LEU B 101 10.33 6.02 -10.63
C LEU B 101 11.44 5.15 -10.03
N GLN B 102 12.18 5.72 -9.11
CA GLN B 102 13.15 4.95 -8.38
C GLN B 102 12.52 3.83 -7.55
N VAL B 103 11.42 4.14 -6.90
CA VAL B 103 10.66 3.18 -6.15
C VAL B 103 10.19 2.03 -7.06
N ALA B 104 9.67 2.41 -8.22
CA ALA B 104 9.27 1.48 -9.24
C ALA B 104 10.39 0.53 -9.60
N ARG B 105 11.55 1.08 -9.85
CA ARG B 105 12.76 0.31 -10.04
C ARG B 105 13.11 -0.61 -8.83
N ASP B 106 13.05 -0.05 -7.65
CA ASP B 106 13.38 -0.84 -6.45
C ASP B 106 12.40 -2.02 -6.33
N LEU B 107 11.14 -1.78 -6.70
CA LEU B 107 10.09 -2.81 -6.58
C LEU B 107 10.24 -3.89 -7.65
N GLN B 108 11.10 -3.68 -8.61
CA GLN B 108 11.34 -4.58 -9.71
C GLN B 108 10.18 -4.57 -10.72
N LEU B 109 9.53 -3.45 -10.87
CA LEU B 109 8.63 -3.21 -11.95
C LEU B 109 9.39 -3.05 -13.29
N GLN B 110 8.74 -3.34 -14.40
CA GLN B 110 9.31 -3.14 -15.72
C GLN B 110 8.75 -1.93 -16.49
N ARG B 111 7.50 -1.55 -16.24
CA ARG B 111 6.84 -0.44 -16.91
C ARG B 111 5.99 0.36 -15.93
N VAL B 112 5.82 1.63 -16.24
CA VAL B 112 4.94 2.49 -15.51
C VAL B 112 4.06 3.26 -16.49
N PHE B 113 2.80 3.38 -16.19
CA PHE B 113 1.94 4.24 -16.95
C PHE B 113 1.27 5.33 -16.12
N VAL B 114 0.73 6.29 -16.81
CA VAL B 114 0.05 7.39 -16.22
C VAL B 114 -1.05 7.93 -17.14
N LEU B 115 -2.09 8.47 -16.56
CA LEU B 115 -3.09 9.22 -17.26
C LEU B 115 -3.01 10.68 -16.80
N THR B 116 -2.78 11.58 -17.74
CA THR B 116 -2.39 12.94 -17.46
C THR B 116 -2.70 13.91 -18.63
N PHE B 117 -2.90 15.15 -18.29
CA PHE B 117 -2.90 16.25 -19.23
C PHE B 117 -1.50 16.86 -19.33
N GLU B 118 -0.64 16.52 -18.39
CA GLU B 118 0.71 17.09 -18.34
C GLU B 118 1.71 16.28 -19.11
N THR B 119 1.50 16.20 -20.40
CA THR B 119 2.22 15.29 -21.23
C THR B 119 3.68 15.73 -21.38
N GLU B 120 3.93 17.02 -21.48
CA GLU B 120 5.28 17.55 -21.56
C GLU B 120 6.11 17.28 -20.32
N PHE B 121 5.51 17.55 -19.18
CA PHE B 121 6.05 17.26 -17.89
C PHE B 121 6.52 15.80 -17.81
N PHE B 122 5.65 14.86 -18.10
CA PHE B 122 6.01 13.46 -18.05
C PHE B 122 6.98 13.05 -19.14
N ALA B 123 6.92 13.69 -20.29
CA ALA B 123 7.82 13.39 -21.37
C ALA B 123 9.25 13.65 -20.98
N ARG B 124 9.51 14.58 -20.08
CA ARG B 124 10.86 14.80 -19.59
C ARG B 124 11.47 13.57 -18.93
N HIS B 125 10.63 12.70 -18.41
CA HIS B 125 11.04 11.49 -17.73
C HIS B 125 11.15 10.29 -18.63
N GLY B 126 10.87 10.48 -19.90
CA GLY B 126 10.93 9.42 -20.87
C GLY B 126 9.61 8.80 -21.20
N PHE B 127 8.51 9.26 -20.62
CA PHE B 127 7.22 8.77 -20.95
C PHE B 127 6.86 9.13 -22.38
N THR B 128 6.28 8.19 -23.07
CA THR B 128 5.75 8.45 -24.38
C THR B 128 4.25 8.16 -24.46
N GLU B 129 3.54 9.03 -25.15
CA GLU B 129 2.12 8.87 -25.34
C GLU B 129 1.80 7.61 -26.12
N ILE B 130 0.81 6.89 -25.67
CA ILE B 130 0.33 5.69 -26.33
C ILE B 130 -1.13 5.79 -26.56
N GLU B 131 -1.63 5.03 -27.50
CA GLU B 131 -3.03 5.01 -27.80
C GLU B 131 -3.67 3.83 -27.10
N GLY B 132 -4.49 4.09 -26.12
CA GLY B 132 -5.08 3.04 -25.34
C GLY B 132 -6.26 2.33 -25.96
N THR B 133 -6.76 1.32 -25.28
CA THR B 133 -8.02 0.71 -25.63
C THR B 133 -8.89 0.72 -24.39
N PRO B 134 -9.22 2.00 -23.94
CA PRO B 134 -9.84 2.01 -22.61
C PRO B 134 -11.20 1.32 -22.53
N VAL B 135 -11.55 0.75 -21.41
CA VAL B 135 -12.87 0.14 -21.26
C VAL B 135 -13.66 0.88 -20.19
N THR B 136 -14.87 0.47 -19.97
CA THR B 136 -15.64 1.03 -18.90
C THR B 136 -15.17 0.51 -17.57
N ALA B 137 -15.62 1.16 -16.52
CA ALA B 137 -15.34 0.73 -15.19
C ALA B 137 -15.85 -0.67 -14.93
N GLU B 138 -17.03 -0.96 -15.41
CA GLU B 138 -17.62 -2.28 -15.26
C GLU B 138 -16.78 -3.36 -15.95
N VAL B 139 -16.41 -3.14 -17.19
CA VAL B 139 -15.55 -4.05 -17.89
C VAL B 139 -14.24 -4.20 -17.16
N PHE B 140 -13.69 -3.10 -16.69
CA PHE B 140 -12.44 -3.12 -15.99
C PHE B 140 -12.52 -4.00 -14.74
N ASP B 141 -13.64 -3.94 -14.05
CA ASP B 141 -13.86 -4.70 -12.84
C ASP B 141 -13.94 -6.20 -13.15
N GLU B 142 -14.58 -6.55 -14.26
CA GLU B 142 -14.60 -7.90 -14.76
C GLU B 142 -13.18 -8.41 -15.01
N MET B 143 -12.39 -7.61 -15.71
CA MET B 143 -11.03 -7.93 -16.01
C MET B 143 -10.21 -8.17 -14.76
N CYS B 144 -10.33 -7.23 -13.84
CA CYS B 144 -9.57 -7.35 -12.59
C CYS B 144 -9.98 -8.60 -11.79
N ARG B 145 -11.25 -8.90 -11.73
CA ARG B 145 -11.71 -10.11 -11.07
C ARG B 145 -11.14 -11.41 -11.66
N SER B 146 -10.80 -11.41 -12.93
CA SER B 146 -10.31 -12.57 -13.57
C SER B 146 -8.81 -12.61 -13.59
N TYR B 147 -8.20 -11.54 -13.17
CA TYR B 147 -6.78 -11.34 -13.36
C TYR B 147 -5.92 -12.35 -12.61
N ASP B 148 -5.15 -13.07 -13.38
CA ASP B 148 -4.18 -14.00 -12.91
C ASP B 148 -3.06 -14.17 -13.94
N ILE B 149 -2.17 -15.12 -13.67
CA ILE B 149 -1.02 -15.39 -14.51
C ILE B 149 -1.40 -15.61 -15.97
N GLY B 150 -2.41 -16.44 -16.20
CA GLY B 150 -2.91 -16.70 -17.53
C GLY B 150 -3.43 -15.49 -18.25
N VAL B 151 -4.35 -14.80 -17.63
CA VAL B 151 -4.90 -13.59 -18.20
C VAL B 151 -3.82 -12.53 -18.43
N ALA B 152 -2.86 -12.45 -17.54
CA ALA B 152 -1.81 -11.48 -17.61
C ALA B 152 -0.98 -11.68 -18.83
N GLU B 153 -1.05 -12.87 -19.41
CA GLU B 153 -0.32 -13.18 -20.61
C GLU B 153 -0.79 -12.40 -21.78
N PHE B 154 -2.07 -12.08 -21.83
CA PHE B 154 -2.61 -11.40 -22.97
C PHE B 154 -3.27 -10.04 -22.70
N LEU B 155 -3.48 -9.71 -21.45
CA LEU B 155 -4.16 -8.52 -21.10
C LEU B 155 -3.20 -7.59 -20.36
N ASP B 156 -2.94 -6.49 -21.01
CA ASP B 156 -2.12 -5.40 -20.50
C ASP B 156 -3.00 -4.31 -19.90
N LEU B 157 -3.05 -4.29 -18.60
CA LEU B 157 -3.88 -3.37 -17.87
C LEU B 157 -3.61 -1.89 -18.20
N SER B 158 -2.40 -1.58 -18.57
CA SER B 158 -2.06 -0.22 -18.95
C SER B 158 -2.85 0.28 -20.16
N TYR B 159 -3.25 -0.62 -21.03
CA TYR B 159 -3.99 -0.26 -22.22
C TYR B 159 -5.47 -0.10 -21.97
N VAL B 160 -6.01 -0.86 -21.05
CA VAL B 160 -7.44 -0.89 -20.80
C VAL B 160 -7.95 -0.06 -19.61
N LYS B 161 -7.08 0.38 -18.74
CA LYS B 161 -7.46 1.16 -17.60
C LYS B 161 -8.33 2.34 -18.03
N PRO B 162 -9.58 2.38 -17.41
CA PRO B 162 -10.43 3.50 -17.85
C PRO B 162 -9.86 4.91 -17.85
N ASN B 163 -10.28 5.69 -18.83
CA ASN B 163 -9.90 7.07 -18.95
C ASN B 163 -11.09 7.93 -18.54
N ILE B 164 -11.11 8.28 -17.27
CA ILE B 164 -12.23 8.98 -16.70
C ILE B 164 -12.28 10.47 -17.07
N LEU B 165 -11.17 11.16 -17.06
CA LEU B 165 -11.14 12.58 -17.24
C LEU B 165 -10.96 12.99 -18.69
N GLY B 166 -10.73 12.01 -19.51
CA GLY B 166 -10.44 12.20 -20.90
C GLY B 166 -9.10 12.78 -21.22
N ASN B 167 -8.09 12.39 -20.47
CA ASN B 167 -6.78 12.90 -20.68
C ASN B 167 -5.92 11.92 -21.51
N SER B 168 -4.63 12.09 -21.50
CA SER B 168 -3.73 11.29 -22.28
C SER B 168 -3.08 10.13 -21.51
N ARG B 169 -2.83 9.06 -22.22
CA ARG B 169 -2.22 7.88 -21.66
C ARG B 169 -0.77 7.83 -22.08
N MET B 170 0.11 7.65 -21.12
CA MET B 170 1.52 7.59 -21.38
C MET B 170 2.21 6.44 -20.71
N LEU B 171 3.29 5.99 -21.31
CA LEU B 171 4.01 4.83 -20.85
C LEU B 171 5.51 5.00 -20.79
N LEU B 172 6.10 4.44 -19.76
CA LEU B 172 7.53 4.40 -19.57
C LEU B 172 8.03 3.01 -19.31
N VAL B 173 8.97 2.60 -20.13
CA VAL B 173 9.70 1.40 -19.95
C VAL B 173 10.90 1.67 -19.08
N LEU B 174 10.96 1.00 -17.95
CA LEU B 174 12.05 1.20 -17.04
C LEU B 174 13.31 0.51 -17.61
N1A ACO C . 15.38 -19.01 20.56
C2A ACO C . 14.63 -19.99 21.11
N3A ACO C . 13.29 -20.05 21.02
C4A ACO C . 12.64 -19.11 20.33
C5A ACO C . 13.40 -18.01 19.71
C6A ACO C . 14.85 -18.00 19.85
N6A ACO C . 15.54 -17.00 19.28
N7A ACO C . 12.55 -17.23 19.10
C8A ACO C . 11.35 -17.77 19.28
N9A ACO C . 11.38 -18.88 20.01
C1B ACO C . 10.21 -19.66 20.39
C2B ACO C . 9.75 -18.99 21.65
O2B ACO C . 9.24 -20.00 22.48
C3B ACO C . 8.61 -18.10 21.22
O3B ACO C . 7.44 -18.33 21.97
P3B ACO C . 6.27 -17.27 21.88
O7A ACO C . 6.90 -16.03 21.50
O8A ACO C . 5.37 -17.94 20.88
O9A ACO C . 5.78 -17.22 23.27
C4B ACO C . 8.33 -18.44 19.78
O4B ACO C . 9.19 -19.49 19.42
C5B ACO C . 8.58 -17.15 19.03
O5B ACO C . 8.51 -17.37 17.68
P1A ACO C . 9.50 -16.80 16.70
O1A ACO C . 9.85 -15.47 16.87
O2A ACO C . 10.54 -17.73 16.57
O3A ACO C . 8.46 -16.92 15.58
P2A ACO C . 8.35 -17.93 14.45
O4A ACO C . 8.13 -19.26 14.79
O5A ACO C . 9.37 -17.63 13.51
O6A ACO C . 6.99 -17.51 13.80
CBP ACO C . 4.54 -17.62 13.46
CCP ACO C . 5.72 -17.65 14.41
CDP ACO C . 4.59 -16.43 12.53
CEP ACO C . 3.26 -17.54 14.25
CAP ACO C . 4.60 -18.88 12.66
OAP ACO C . 4.45 -19.98 13.54
C9P ACO C . 3.61 -18.91 11.53
O9P ACO C . 3.98 -18.61 10.44
N8P ACO C . 2.37 -19.29 11.79
C7P ACO C . 1.32 -19.32 10.81
C6P ACO C . 0.66 -18.00 10.46
C5P ACO C . 0.14 -17.24 11.62
O5P ACO C . -0.25 -17.83 12.58
N4P ACO C . 0.08 -15.94 11.52
C3P ACO C . 0.25 -14.92 12.53
C2P ACO C . -0.95 -14.20 13.15
S1P ACO C . -2.38 -13.56 12.34
C ACO C . -1.84 -12.46 11.36
O ACO C . -0.78 -12.59 10.99
CH3 ACO C . -2.75 -11.38 10.94
N GLU D . -1.92 -6.12 3.67
CA GLU D . -3.08 -6.82 3.14
C GLU D . -2.79 -8.23 2.65
O GLU D . -3.20 -8.53 1.50
CB GLU D . -3.72 -6.00 2.05
CG GLU D . -4.14 -4.59 2.47
CD GLU D . -4.79 -3.80 1.35
OE1 GLU D . -6.02 -3.91 1.16
OE2 GLU D . -4.06 -3.05 0.67
OXT GLU D . -2.20 -9.02 3.47
AS CAD E . 18.59 -18.02 11.83
C1 CAD E . 17.11 -18.74 12.68
C2 CAD E . 18.99 -19.04 10.30
O1 CAD E . 19.86 -18.00 12.83
AS CAD F . -12.75 0.15 5.82
C1 CAD F . -12.29 0.22 3.92
C2 CAD F . -12.97 2.13 6.52
O1 CAD F . -11.51 -0.63 6.67
N1A ACO G . 14.71 23.07 -10.75
C2A ACO G . 14.11 24.22 -11.11
N3A ACO G . 13.16 24.31 -12.02
C4A ACO G . 12.78 23.23 -12.68
C5A ACO G . 13.40 21.95 -12.37
C6A ACO G . 14.42 21.93 -11.34
N6A ACO G . 15.01 20.78 -11.04
N7A ACO G . 12.86 21.03 -13.13
C8A ACO G . 11.97 21.68 -13.87
N9A ACO G . 11.90 22.99 -13.62
C1B ACO G . 11.02 23.99 -14.27
C2B ACO G . 10.92 23.58 -15.72
O2B ACO G . 10.89 24.75 -16.47
C3B ACO G . 9.65 22.75 -15.75
O3B ACO G . 9.00 22.53 -16.99
P3B ACO G . 8.83 21.11 -17.70
O7A ACO G . 9.97 20.32 -17.31
O8A ACO G . 7.48 20.73 -17.31
O9A ACO G . 8.97 21.51 -19.08
C4B ACO G . 8.77 23.43 -14.71
O4B ACO G . 9.68 23.98 -13.77
C5B ACO G . 7.85 22.41 -14.05
O5B ACO G . 8.55 21.39 -13.37
P1A ACO G . 8.41 21.20 -11.85
O1A ACO G . 9.30 20.16 -11.45
O2A ACO G . 8.62 22.45 -11.23
O3A ACO G . 6.94 20.81 -11.58
P2A ACO G . 5.92 21.59 -10.71
O4A ACO G . 5.58 22.85 -11.22
O5A ACO G . 6.35 21.51 -9.38
O6A ACO G . 4.64 20.68 -10.73
CBP ACO G . 2.63 19.65 -11.65
CCP ACO G . 4.00 20.25 -11.89
CDP ACO G . 2.73 18.49 -10.71
CEP ACO G . 2.12 19.17 -12.96
CAP ACO G . 1.69 20.67 -11.07
OAP ACO G . 1.57 21.70 -11.98
C9P ACO G . 0.35 20.16 -10.58
O9P ACO G . 0.24 19.94 -9.43
N8P ACO G . -0.66 20.02 -11.41
C7P ACO G . -1.97 19.53 -11.08
C6P ACO G . -2.05 18.01 -10.91
C5P ACO G . -1.66 17.25 -12.13
O5P ACO G . -1.98 17.71 -13.18
N4P ACO G . -1.02 16.11 -12.04
C3P ACO G . -0.35 15.58 -13.20
C2P ACO G . -0.15 14.11 -13.53
S1P ACO G . -1.42 12.93 -13.66
C ACO G . -1.13 12.11 -12.35
O ACO G . -0.84 12.66 -11.37
CH3 ACO G . -1.35 10.65 -12.45
N GLU H . -2.24 5.76 -5.18
CA GLU H . -3.65 5.55 -5.31
C GLU H . -4.46 6.80 -5.05
O GLU H . -5.69 6.58 -4.68
CB GLU H . -4.10 4.44 -4.43
CG GLU H . -3.95 3.05 -5.03
CD GLU H . -4.75 2.00 -4.28
OE1 GLU H . -5.77 1.50 -4.81
OE2 GLU H . -4.34 1.67 -3.17
OXT GLU H . -3.91 7.90 -5.22
AS CAD I . 11.82 24.80 -2.92
C1 CAD I . 10.47 25.91 -3.76
C2 CAD I . 11.02 23.62 -1.70
O1 CAD I . 12.94 25.74 -2.16
AS CAD J . -7.18 -4.56 -11.65
C1 CAD J . -6.10 -6.30 -11.65
C2 CAD J . -6.01 -3.10 -12.22
O1 CAD J . -7.67 -4.28 -10.02
#